data_3EJO
#
_entry.id   3EJO
#
_cell.length_a   53.067
_cell.length_b   53.991
_cell.length_c   65.565
_cell.angle_alpha   86.630
_cell.angle_beta   77.770
_cell.angle_gamma   61.250
#
_symmetry.space_group_name_H-M   'P 1'
#
loop_
_entity.id
_entity.type
_entity.pdbx_description
1 polymer 'Coproporphyrinogen III oxidase'
2 non-polymer 'ACETATE ION'
3 water water
#
_entity_poly.entity_id   1
_entity_poly.type   'polypeptide(L)'
_entity_poly.pdbx_seq_one_letter_code
;MAHHHHHHMMSLAIEAVKDFLVKLQDDICEALEAEDGQATFMEDKWTREGGGGGRTRVMVNGAVIEKGGVNFSHVYGKGL
PGSSTERHPDMTGCNFQAMGVSLVIHPKNPHVPTSHANVRLFVAEREGKEPVWWFGGGFDLTPYYAVEEDCRYFHQVAQD
LCKPFGADVYTRFKVWCDEYFFIPYRNEARGIGGLFFDDLNEWPFEKCFEFVQAVGKGYIDAYIPIVNRRKNTPYTEQQV
EFQEFRRGRYAEFNLVIDRGTKFGLQSGGRTESILISLPPRARWGYDWQPEPGTPEARLTEYFLMKRQWV
;
_entity_poly.pdbx_strand_id   A,B
#
loop_
_chem_comp.id
_chem_comp.type
_chem_comp.name
_chem_comp.formula
ACT non-polymer 'ACETATE ION' 'C2 H3 O2 -1'
#
# COMPACT_ATOMS: atom_id res chain seq x y z
N MET A 10 -12.15 11.94 -34.34
CA MET A 10 -10.96 11.02 -34.42
C MET A 10 -11.29 9.58 -33.99
N SER A 11 -12.40 9.05 -34.47
CA SER A 11 -12.78 7.66 -34.18
C SER A 11 -11.87 6.66 -34.90
N LEU A 12 -11.42 6.99 -36.12
CA LEU A 12 -10.52 6.11 -36.87
C LEU A 12 -9.12 6.04 -36.24
N ALA A 13 -8.64 7.16 -35.71
CA ALA A 13 -7.40 7.20 -34.93
C ALA A 13 -7.48 6.27 -33.72
N ILE A 14 -8.60 6.36 -33.00
CA ILE A 14 -8.81 5.52 -31.82
C ILE A 14 -8.82 4.04 -32.19
N GLU A 15 -9.51 3.69 -33.27
CA GLU A 15 -9.55 2.30 -33.71
C GLU A 15 -8.12 1.83 -34.04
N ALA A 16 -7.35 2.69 -34.73
CA ALA A 16 -5.96 2.37 -35.04
C ALA A 16 -5.14 2.13 -33.77
N VAL A 17 -5.38 2.96 -32.76
CA VAL A 17 -4.64 2.84 -31.50
C VAL A 17 -5.03 1.58 -30.73
N LYS A 18 -6.32 1.28 -30.66
CA LYS A 18 -6.80 0.04 -30.03
C LYS A 18 -6.15 -1.20 -30.65
N ASP A 19 -6.19 -1.27 -31.98
CA ASP A 19 -5.58 -2.37 -32.73
C ASP A 19 -4.09 -2.54 -32.41
N PHE A 20 -3.37 -1.42 -32.31
CA PHE A 20 -1.94 -1.45 -31.92
C PHE A 20 -1.76 -2.05 -30.53
N LEU A 21 -2.53 -1.58 -29.57
CA LEU A 21 -2.42 -2.03 -28.19
C LEU A 21 -2.73 -3.53 -28.03
N VAL A 22 -3.76 -3.98 -28.75
CA VAL A 22 -4.13 -5.38 -28.74
C VAL A 22 -2.95 -6.22 -29.25
N LYS A 23 -2.36 -5.78 -30.35
CA LYS A 23 -1.22 -6.48 -30.95
C LYS A 23 0.03 -6.39 -30.07
N LEU A 24 0.24 -5.23 -29.44
CA LEU A 24 1.36 -5.05 -28.51
C LEU A 24 1.28 -6.03 -27.34
N GLN A 25 0.09 -6.12 -26.74
CA GLN A 25 -0.18 -7.04 -25.66
C GLN A 25 0.13 -8.47 -26.11
N ASP A 26 -0.34 -8.83 -27.30
CA ASP A 26 -0.09 -10.17 -27.85
C ASP A 26 1.42 -10.43 -27.99
N ASP A 27 2.11 -9.52 -28.67
CA ASP A 27 3.54 -9.65 -28.89
C ASP A 27 4.35 -9.69 -27.58
N ILE A 28 4.01 -8.83 -26.61
CA ILE A 28 4.69 -8.83 -25.31
C ILE A 28 4.47 -10.14 -24.56
N CYS A 29 3.23 -10.65 -24.54
CA CYS A 29 2.94 -11.95 -23.93
C CYS A 29 3.69 -13.10 -24.60
N GLU A 30 3.68 -13.13 -25.93
CA GLU A 30 4.36 -14.18 -26.69
CA GLU A 30 4.34 -14.18 -26.69
C GLU A 30 5.86 -14.13 -26.44
N ALA A 31 6.44 -12.93 -26.42
CA ALA A 31 7.88 -12.78 -26.15
C ALA A 31 8.23 -13.36 -24.79
N LEU A 32 7.48 -12.97 -23.76
CA LEU A 32 7.70 -13.46 -22.40
C LEU A 32 7.43 -14.95 -22.25
N GLU A 33 6.43 -15.47 -22.96
CA GLU A 33 6.15 -16.89 -22.93
C GLU A 33 7.32 -17.69 -23.47
N ALA A 34 7.86 -17.26 -24.62
CA ALA A 34 8.99 -17.93 -25.26
C ALA A 34 10.17 -17.95 -24.32
N GLU A 35 10.46 -16.79 -23.73
CA GLU A 35 11.58 -16.66 -22.79
C GLU A 35 11.36 -17.45 -21.50
N ASP A 36 10.12 -17.52 -21.02
CA ASP A 36 9.83 -18.36 -19.85
C ASP A 36 10.00 -19.83 -20.19
N GLY A 37 9.45 -20.24 -21.33
CA GLY A 37 9.55 -21.62 -21.78
C GLY A 37 8.51 -22.55 -21.20
N GLN A 38 8.03 -22.26 -19.98
CA GLN A 38 7.20 -23.19 -19.23
C GLN A 38 5.75 -22.72 -19.06
N ALA A 39 5.56 -21.52 -18.52
CA ALA A 39 4.20 -21.02 -18.25
C ALA A 39 3.57 -20.38 -19.50
N THR A 40 2.25 -20.21 -19.46
CA THR A 40 1.56 -19.39 -20.45
C THR A 40 0.63 -18.38 -19.76
N PHE A 41 0.38 -17.26 -20.46
CA PHE A 41 -0.52 -16.21 -19.98
C PHE A 41 -1.97 -16.66 -20.10
N MET A 42 -2.77 -16.41 -19.06
CA MET A 42 -4.18 -16.78 -19.05
C MET A 42 -5.04 -15.54 -19.25
N GLU A 43 -5.93 -15.59 -20.23
CA GLU A 43 -6.73 -14.45 -20.65
C GLU A 43 -8.00 -14.28 -19.85
N ASP A 44 -8.24 -13.02 -19.45
CA ASP A 44 -9.41 -12.67 -18.69
C ASP A 44 -10.05 -11.46 -19.35
N LYS A 45 -11.15 -11.68 -20.08
CA LYS A 45 -11.89 -10.60 -20.73
C LYS A 45 -13.02 -10.16 -19.81
N TRP A 46 -13.16 -8.86 -19.62
CA TRP A 46 -14.17 -8.31 -18.70
C TRP A 46 -14.82 -7.05 -19.27
N THR A 47 -15.91 -6.65 -18.64
CA THR A 47 -16.63 -5.41 -18.96
C THR A 47 -17.06 -4.69 -17.68
N ARG A 48 -17.37 -3.40 -17.83
CA ARG A 48 -17.83 -2.56 -16.73
C ARG A 48 -19.14 -1.94 -17.17
N GLU A 49 -20.12 -1.91 -16.27
CA GLU A 49 -21.42 -1.33 -16.54
C GLU A 49 -21.30 0.12 -17.03
N GLY A 50 -21.85 0.39 -18.20
CA GLY A 50 -21.91 1.75 -18.75
C GLY A 50 -20.59 2.27 -19.27
N GLY A 51 -19.59 1.38 -19.34
CA GLY A 51 -18.28 1.72 -19.85
C GLY A 51 -17.81 0.65 -20.82
N GLY A 52 -16.53 0.66 -21.15
CA GLY A 52 -15.95 -0.37 -21.98
C GLY A 52 -15.59 -1.56 -21.12
N GLY A 53 -14.32 -1.94 -21.16
CA GLY A 53 -13.84 -3.11 -20.47
C GLY A 53 -12.38 -3.37 -20.79
N GLY A 54 -11.94 -4.61 -20.64
CA GLY A 54 -10.55 -4.92 -20.87
C GLY A 54 -10.18 -6.38 -21.02
N ARG A 55 -8.90 -6.60 -21.30
CA ARG A 55 -8.37 -7.94 -21.43
C ARG A 55 -7.16 -8.06 -20.54
N THR A 56 -7.30 -8.82 -19.47
CA THR A 56 -6.22 -8.98 -18.52
C THR A 56 -5.56 -10.35 -18.71
N ARG A 57 -4.27 -10.34 -19.04
CA ARG A 57 -3.53 -11.56 -19.24
C ARG A 57 -2.47 -11.71 -18.14
N VAL A 58 -2.48 -12.87 -17.48
CA VAL A 58 -1.66 -13.11 -16.31
C VAL A 58 -0.93 -14.46 -16.35
N MET A 59 0.33 -14.43 -15.94
CA MET A 59 1.17 -15.63 -15.84
C MET A 59 1.55 -15.83 -14.38
N VAL A 60 1.46 -17.06 -13.90
CA VAL A 60 1.87 -17.41 -12.54
C VAL A 60 2.78 -18.63 -12.56
N ASN A 61 3.70 -18.69 -11.61
CA ASN A 61 4.55 -19.85 -11.42
C ASN A 61 5.16 -20.42 -12.70
N GLY A 62 5.86 -19.57 -13.45
CA GLY A 62 6.68 -20.02 -14.56
C GLY A 62 8.05 -20.46 -14.06
N ALA A 63 8.86 -20.97 -14.98
CA ALA A 63 10.26 -21.25 -14.69
C ALA A 63 11.09 -19.97 -14.59
N VAL A 64 10.54 -18.85 -15.07
CA VAL A 64 11.20 -17.54 -15.00
C VAL A 64 10.32 -16.49 -14.31
N ILE A 65 9.11 -16.32 -14.85
CA ILE A 65 8.14 -15.35 -14.34
C ILE A 65 7.21 -15.97 -13.30
N GLU A 66 7.36 -15.55 -12.05
CA GLU A 66 6.51 -16.02 -10.96
C GLU A 66 5.15 -15.35 -10.98
N LYS A 67 5.13 -14.05 -11.29
CA LYS A 67 3.89 -13.30 -11.38
C LYS A 67 4.04 -12.19 -12.41
N GLY A 68 3.34 -12.35 -13.52
CA GLY A 68 3.38 -11.37 -14.60
C GLY A 68 1.96 -10.97 -14.91
N GLY A 69 1.78 -9.71 -15.29
CA GLY A 69 0.49 -9.21 -15.72
C GLY A 69 0.69 -8.30 -16.91
N VAL A 70 -0.14 -8.45 -17.95
CA VAL A 70 -0.12 -7.58 -19.11
C VAL A 70 -1.56 -7.28 -19.52
N ASN A 71 -2.05 -6.13 -19.09
CA ASN A 71 -3.45 -5.77 -19.19
C ASN A 71 -3.71 -4.75 -20.26
N PHE A 72 -4.82 -4.95 -20.98
CA PHE A 72 -5.37 -3.94 -21.86
C PHE A 72 -6.64 -3.46 -21.20
N SER A 73 -6.92 -2.17 -21.31
CA SER A 73 -8.19 -1.63 -20.84
C SER A 73 -8.65 -0.48 -21.71
N HIS A 74 -9.95 -0.47 -22.00
CA HIS A 74 -10.61 0.66 -22.61
C HIS A 74 -11.61 1.17 -21.59
N VAL A 75 -11.24 2.24 -20.91
CA VAL A 75 -12.09 2.88 -19.92
C VAL A 75 -12.81 4.05 -20.57
N TYR A 76 -14.00 4.34 -20.08
CA TYR A 76 -14.92 5.23 -20.76
C TYR A 76 -15.47 6.26 -19.80
N GLY A 77 -16.70 6.66 -20.06
CA GLY A 77 -17.49 7.39 -19.10
C GLY A 77 -17.76 8.78 -19.58
N LYS A 78 -18.80 9.38 -19.02
CA LYS A 78 -19.15 10.75 -19.31
C LYS A 78 -18.85 11.59 -18.06
N GLY A 79 -18.02 12.62 -18.23
CA GLY A 79 -17.59 13.49 -17.14
C GLY A 79 -16.32 13.01 -16.46
N LEU A 80 -15.29 13.85 -16.43
CA LEU A 80 -14.02 13.51 -15.78
C LEU A 80 -14.17 13.46 -14.26
N ASP A 90 -12.18 24.54 -20.25
CA ASP A 90 -12.51 23.80 -19.04
C ASP A 90 -13.35 22.56 -19.34
N MET A 91 -12.74 21.39 -19.16
CA MET A 91 -13.42 20.09 -19.31
C MET A 91 -13.70 19.48 -17.95
N THR A 92 -14.97 19.45 -17.55
CA THR A 92 -15.39 18.93 -16.25
C THR A 92 -16.47 17.84 -16.37
N GLY A 93 -17.42 18.06 -17.26
CA GLY A 93 -18.42 17.06 -17.61
C GLY A 93 -18.20 16.51 -19.01
N CYS A 94 -16.95 16.51 -19.46
CA CYS A 94 -16.64 16.10 -20.82
C CYS A 94 -16.64 14.58 -20.96
N ASN A 95 -17.07 14.08 -22.11
CA ASN A 95 -16.96 12.66 -22.44
C ASN A 95 -15.50 12.25 -22.50
N PHE A 96 -15.07 11.45 -21.52
CA PHE A 96 -13.67 11.06 -21.38
C PHE A 96 -13.47 9.60 -21.77
N GLN A 97 -12.29 9.30 -22.29
CA GLN A 97 -11.99 7.97 -22.83
C GLN A 97 -10.50 7.70 -22.68
N ALA A 98 -10.17 6.52 -22.15
CA ALA A 98 -8.78 6.10 -22.01
C ALA A 98 -8.62 4.65 -22.42
N MET A 99 -7.57 4.39 -23.17
CA MET A 99 -7.27 3.05 -23.65
C MET A 99 -5.76 2.88 -23.53
N GLY A 100 -5.34 1.73 -23.02
CA GLY A 100 -3.91 1.50 -22.84
C GLY A 100 -3.55 0.10 -22.44
N VAL A 101 -2.24 -0.19 -22.51
CA VAL A 101 -1.68 -1.45 -22.05
C VAL A 101 -0.76 -1.19 -20.86
N SER A 102 -0.94 -1.94 -19.80
CA SER A 102 -0.14 -1.79 -18.59
C SER A 102 0.43 -3.14 -18.20
N LEU A 103 1.70 -3.17 -17.79
CA LEU A 103 2.32 -4.44 -17.41
C LEU A 103 3.32 -4.29 -16.28
N VAL A 104 3.39 -5.35 -15.46
CA VAL A 104 4.39 -5.49 -14.41
C VAL A 104 4.81 -6.96 -14.41
N ILE A 105 6.11 -7.23 -14.47
CA ILE A 105 6.61 -8.60 -14.45
C ILE A 105 7.50 -8.78 -13.20
N HIS A 106 7.12 -9.72 -12.33
CA HIS A 106 7.89 -10.04 -11.13
C HIS A 106 8.49 -11.43 -11.26
N PRO A 107 9.78 -11.51 -11.65
CA PRO A 107 10.40 -12.83 -11.78
C PRO A 107 10.69 -13.54 -10.45
N LYS A 108 10.75 -14.87 -10.52
CA LYS A 108 11.15 -15.72 -9.41
C LYS A 108 12.58 -15.42 -8.96
N ASN A 109 13.52 -15.46 -9.90
CA ASN A 109 14.94 -15.27 -9.61
C ASN A 109 15.29 -13.81 -9.30
N PRO A 110 15.69 -13.49 -8.05
CA PRO A 110 15.99 -12.09 -7.69
C PRO A 110 17.00 -11.44 -8.63
N HIS A 111 17.85 -12.25 -9.26
CA HIS A 111 18.85 -11.72 -10.19
C HIS A 111 18.24 -11.27 -11.52
N VAL A 112 16.94 -11.50 -11.70
CA VAL A 112 16.20 -10.90 -12.81
C VAL A 112 15.39 -9.75 -12.24
N PRO A 113 15.56 -8.53 -12.78
CA PRO A 113 14.76 -7.41 -12.31
C PRO A 113 13.27 -7.53 -12.59
N THR A 114 12.47 -6.97 -11.70
CA THR A 114 11.09 -6.63 -12.00
C THR A 114 11.10 -5.51 -13.04
N SER A 115 10.10 -5.47 -13.91
CA SER A 115 9.94 -4.36 -14.84
C SER A 115 8.49 -3.98 -15.01
N HIS A 116 8.27 -2.82 -15.63
CA HIS A 116 6.93 -2.25 -15.83
C HIS A 116 6.91 -1.40 -17.10
N ALA A 117 5.77 -1.38 -17.78
CA ALA A 117 5.61 -0.53 -18.94
C ALA A 117 4.15 -0.16 -19.11
N ASN A 118 3.94 0.96 -19.80
CA ASN A 118 2.62 1.51 -20.02
C ASN A 118 2.63 2.22 -21.37
N VAL A 119 1.56 2.04 -22.14
CA VAL A 119 1.24 2.89 -23.30
C VAL A 119 -0.27 3.11 -23.30
N ARG A 120 -0.67 4.37 -23.34
CA ARG A 120 -2.05 4.76 -23.15
C ARG A 120 -2.35 6.01 -23.96
N LEU A 121 -3.58 6.08 -24.46
CA LEU A 121 -4.10 7.27 -25.14
C LEU A 121 -5.27 7.72 -24.29
N PHE A 122 -5.43 9.04 -24.17
CA PHE A 122 -6.60 9.62 -23.51
C PHE A 122 -7.23 10.58 -24.49
N VAL A 123 -8.55 10.50 -24.62
CA VAL A 123 -9.31 11.40 -25.46
C VAL A 123 -10.46 11.98 -24.65
N ALA A 124 -10.65 13.30 -24.71
CA ALA A 124 -11.79 13.96 -24.08
C ALA A 124 -12.54 14.78 -25.13
N GLU A 125 -13.84 14.57 -25.23
CA GLU A 125 -14.65 15.23 -26.25
C GLU A 125 -15.67 16.17 -25.62
N ARG A 126 -15.81 17.36 -26.18
CA ARG A 126 -16.78 18.35 -25.71
C ARG A 126 -17.60 18.84 -26.89
N GLU A 127 -18.78 19.39 -26.60
CA GLU A 127 -19.55 20.13 -27.60
C GLU A 127 -18.83 21.42 -27.95
N GLY A 128 -18.79 21.74 -29.25
CA GLY A 128 -18.17 22.98 -29.72
C GLY A 128 -16.68 23.06 -29.50
N LYS A 129 -16.03 21.91 -29.50
CA LYS A 129 -14.57 21.82 -29.36
C LYS A 129 -14.02 20.68 -30.21
N GLU A 130 -12.78 20.84 -30.64
CA GLU A 130 -12.02 19.74 -31.22
C GLU A 130 -11.65 18.80 -30.08
N PRO A 131 -11.63 17.48 -30.34
CA PRO A 131 -11.20 16.54 -29.32
C PRO A 131 -9.85 16.90 -28.72
N VAL A 132 -9.75 16.81 -27.41
CA VAL A 132 -8.46 16.97 -26.74
C VAL A 132 -7.93 15.56 -26.47
N TRP A 133 -6.73 15.29 -26.97
CA TRP A 133 -6.10 13.98 -26.84
C TRP A 133 -4.67 14.12 -26.34
N TRP A 134 -4.22 13.13 -25.58
CA TRP A 134 -2.80 12.99 -25.27
C TRP A 134 -2.41 11.55 -25.02
N PHE A 135 -1.12 11.24 -25.23
CA PHE A 135 -0.56 9.93 -24.96
C PHE A 135 0.21 9.97 -23.65
N GLY A 136 0.43 8.79 -23.08
CA GLY A 136 1.22 8.65 -21.87
C GLY A 136 1.83 7.28 -21.86
N GLY A 137 2.78 7.06 -20.95
CA GLY A 137 3.43 5.77 -20.84
C GLY A 137 4.91 5.83 -20.51
N GLY A 138 5.62 4.77 -20.89
CA GLY A 138 7.02 4.59 -20.54
C GLY A 138 7.37 3.16 -20.17
N PHE A 139 8.61 2.93 -19.79
CA PHE A 139 9.00 1.68 -19.19
C PHE A 139 10.16 1.90 -18.22
N ASP A 140 10.33 0.96 -17.29
CA ASP A 140 11.33 1.11 -16.23
C ASP A 140 11.73 -0.23 -15.64
N LEU A 141 12.94 -0.26 -15.10
CA LEU A 141 13.55 -1.46 -14.57
C LEU A 141 13.73 -1.35 -13.06
N THR A 142 13.40 -2.44 -12.36
CA THR A 142 13.47 -2.49 -10.90
C THR A 142 14.34 -3.68 -10.51
N PRO A 143 15.67 -3.47 -10.48
CA PRO A 143 16.54 -4.56 -10.09
C PRO A 143 16.50 -4.83 -8.59
N TYR A 144 17.00 -6.01 -8.23
CA TYR A 144 17.22 -6.40 -6.86
C TYR A 144 18.72 -6.56 -6.68
N TYR A 145 19.31 -7.45 -7.48
CA TYR A 145 20.76 -7.56 -7.62
C TYR A 145 21.12 -7.09 -9.01
N ALA A 146 21.40 -5.79 -9.11
CA ALA A 146 21.60 -5.14 -10.39
C ALA A 146 22.92 -5.53 -11.01
N VAL A 147 22.98 -5.43 -12.34
CA VAL A 147 24.21 -5.60 -13.08
C VAL A 147 24.43 -4.33 -13.90
N GLU A 148 25.63 -3.77 -13.77
CA GLU A 148 26.04 -2.50 -14.37
C GLU A 148 25.74 -2.48 -15.87
N GLU A 149 26.18 -3.54 -16.54
CA GLU A 149 25.99 -3.71 -17.99
C GLU A 149 24.50 -3.66 -18.41
N ASP A 150 23.61 -4.19 -17.56
CA ASP A 150 22.18 -4.25 -17.88
C ASP A 150 21.48 -2.90 -17.71
N CYS A 151 21.84 -2.16 -16.66
CA CYS A 151 21.27 -0.86 -16.41
C CYS A 151 21.53 0.09 -17.56
N ARG A 152 22.78 0.17 -18.02
CA ARG A 152 23.09 1.05 -19.13
C ARG A 152 22.52 0.53 -20.45
N TYR A 153 22.52 -0.79 -20.63
CA TYR A 153 21.93 -1.40 -21.82
C TYR A 153 20.45 -1.02 -21.95
N PHE A 154 19.75 -1.13 -20.83
CA PHE A 154 18.33 -0.77 -20.74
C PHE A 154 18.10 0.69 -21.14
N HIS A 155 18.93 1.57 -20.62
CA HIS A 155 18.88 2.99 -20.95
C HIS A 155 19.33 3.28 -22.37
N GLN A 156 20.26 2.50 -22.89
CA GLN A 156 20.72 2.68 -24.27
C GLN A 156 19.59 2.38 -25.26
N VAL A 157 18.85 1.30 -25.02
CA VAL A 157 17.68 0.97 -25.82
C VAL A 157 16.73 2.18 -25.80
N ALA A 158 16.43 2.67 -24.60
CA ALA A 158 15.54 3.83 -24.47
C ALA A 158 16.08 5.05 -25.21
N GLN A 159 17.38 5.32 -25.09
CA GLN A 159 17.97 6.45 -25.79
C GLN A 159 17.86 6.30 -27.30
N ASP A 160 18.15 5.10 -27.81
CA ASP A 160 18.11 4.84 -29.25
C ASP A 160 16.72 5.06 -29.87
N LEU A 161 15.69 4.49 -29.25
CA LEU A 161 14.32 4.64 -29.76
C LEU A 161 13.85 6.10 -29.79
N CYS A 162 14.34 6.91 -28.85
CA CYS A 162 14.04 8.35 -28.81
C CYS A 162 14.72 9.16 -29.91
N LYS A 163 15.82 8.65 -30.45
CA LYS A 163 16.60 9.41 -31.44
C LYS A 163 15.79 9.99 -32.62
N PRO A 164 14.87 9.20 -33.22
CA PRO A 164 14.18 9.79 -34.38
C PRO A 164 13.25 10.97 -34.06
N PHE A 165 12.91 11.18 -32.78
CA PHE A 165 11.82 12.07 -32.37
C PHE A 165 12.24 13.43 -31.82
N GLY A 166 13.53 13.59 -31.53
CA GLY A 166 14.04 14.87 -31.05
C GLY A 166 15.26 14.66 -30.18
N ALA A 167 16.10 15.69 -30.11
CA ALA A 167 17.38 15.59 -29.39
C ALA A 167 17.18 15.68 -27.87
N ASP A 168 16.05 16.25 -27.47
CA ASP A 168 15.72 16.45 -26.05
C ASP A 168 14.84 15.33 -25.47
N VAL A 169 14.40 14.38 -26.30
CA VAL A 169 13.32 13.46 -25.90
C VAL A 169 13.76 12.42 -24.88
N TYR A 170 14.91 11.80 -25.08
CA TYR A 170 15.43 10.88 -24.07
C TYR A 170 15.65 11.62 -22.74
N THR A 171 16.37 12.73 -22.79
CA THR A 171 16.72 13.45 -21.55
C THR A 171 15.49 13.84 -20.75
N ARG A 172 14.53 14.48 -21.41
CA ARG A 172 13.27 14.93 -20.79
C ARG A 172 12.50 13.80 -20.12
N PHE A 173 12.33 12.69 -20.83
CA PHE A 173 11.51 11.58 -20.35
C PHE A 173 12.28 10.62 -19.46
N LYS A 174 13.60 10.59 -19.60
CA LYS A 174 14.49 9.90 -18.65
C LYS A 174 14.43 10.58 -17.28
N VAL A 175 14.47 11.91 -17.28
CA VAL A 175 14.38 12.71 -16.06
C VAL A 175 13.01 12.53 -15.42
N TRP A 176 11.98 12.65 -16.24
CA TRP A 176 10.60 12.51 -15.74
C TRP A 176 10.48 11.18 -15.03
N CYS A 177 11.04 10.13 -15.63
CA CYS A 177 11.02 8.79 -15.04
C CYS A 177 11.67 8.77 -13.65
N ASP A 178 12.81 9.44 -13.48
CA ASP A 178 13.47 9.57 -12.15
C ASP A 178 12.64 10.35 -11.14
N GLU A 179 12.04 11.44 -11.59
CA GLU A 179 11.22 12.29 -10.72
C GLU A 179 9.93 11.57 -10.29
N TYR A 180 9.29 10.87 -11.21
CA TYR A 180 8.00 10.20 -10.90
C TYR A 180 8.17 8.97 -10.01
N PHE A 181 9.03 8.05 -10.40
CA PHE A 181 9.22 6.80 -9.65
C PHE A 181 10.16 6.98 -8.46
N PHE A 182 9.70 7.82 -7.52
CA PHE A 182 10.49 8.24 -6.37
C PHE A 182 9.60 8.17 -5.13
N ILE A 183 10.12 7.62 -4.04
CA ILE A 183 9.41 7.57 -2.78
C ILE A 183 9.92 8.68 -1.84
N PRO A 184 9.30 9.87 -1.90
CA PRO A 184 9.87 11.01 -1.18
C PRO A 184 10.11 10.75 0.31
N TYR A 185 9.25 9.96 0.96
CA TYR A 185 9.35 9.73 2.41
C TYR A 185 10.46 8.76 2.82
N ARG A 186 10.98 7.97 1.88
CA ARG A 186 12.20 7.19 2.12
C ARG A 186 13.40 7.78 1.38
N ASN A 187 13.21 8.91 0.70
CA ASN A 187 14.23 9.52 -0.17
C ASN A 187 14.91 8.48 -1.07
N GLU A 188 14.11 7.77 -1.85
CA GLU A 188 14.62 6.58 -2.53
C GLU A 188 13.92 6.31 -3.87
N ALA A 189 14.71 6.10 -4.92
CA ALA A 189 14.17 5.73 -6.22
C ALA A 189 13.58 4.32 -6.19
N ARG A 190 12.62 4.04 -7.06
CA ARG A 190 12.02 2.70 -7.12
C ARG A 190 12.91 1.72 -7.89
N GLY A 191 13.59 2.24 -8.90
CA GLY A 191 14.45 1.42 -9.75
C GLY A 191 15.48 2.30 -10.42
N ILE A 192 16.05 1.83 -11.51
CA ILE A 192 17.11 2.57 -12.20
C ILE A 192 16.58 3.45 -13.33
N GLY A 193 15.25 3.54 -13.44
CA GLY A 193 14.61 4.47 -14.39
C GLY A 193 14.31 3.86 -15.74
N GLY A 194 14.43 4.67 -16.77
CA GLY A 194 14.00 4.32 -18.12
C GLY A 194 13.28 5.51 -18.71
N LEU A 195 12.04 5.32 -19.15
CA LEU A 195 11.26 6.40 -19.72
C LEU A 195 9.93 6.56 -19.03
N PHE A 196 9.49 7.81 -18.92
CA PHE A 196 8.17 8.12 -18.43
C PHE A 196 7.74 9.43 -19.07
N PHE A 197 6.50 9.48 -19.53
CA PHE A 197 5.94 10.70 -20.09
C PHE A 197 4.43 10.73 -19.92
N ASP A 198 3.86 11.92 -19.89
CA ASP A 198 2.43 12.09 -19.85
C ASP A 198 2.07 13.40 -20.56
N ASP A 199 0.80 13.59 -20.88
CA ASP A 199 0.34 14.80 -21.56
C ASP A 199 1.03 15.02 -22.91
N LEU A 200 1.42 13.93 -23.57
CA LEU A 200 2.15 14.03 -24.83
C LEU A 200 1.18 14.32 -25.96
N ASN A 201 1.21 15.55 -26.44
CA ASN A 201 0.50 15.94 -27.66
C ASN A 201 1.15 17.14 -28.35
N GLU A 202 2.45 17.31 -28.11
CA GLU A 202 3.18 18.46 -28.63
C GLU A 202 3.49 18.29 -30.09
N TRP A 203 3.56 17.03 -30.54
CA TRP A 203 3.78 16.72 -31.97
C TRP A 203 2.46 16.33 -32.62
N PRO A 204 2.40 16.36 -33.96
CA PRO A 204 1.17 15.91 -34.60
C PRO A 204 0.85 14.49 -34.19
N PHE A 205 -0.44 14.13 -34.27
CA PHE A 205 -0.91 12.87 -33.74
C PHE A 205 -0.08 11.69 -34.21
N GLU A 206 0.28 11.70 -35.49
CA GLU A 206 0.93 10.53 -36.08
C GLU A 206 2.34 10.31 -35.52
N LYS A 207 3.09 11.39 -35.33
CA LYS A 207 4.41 11.27 -34.71
C LYS A 207 4.27 10.77 -33.26
N CYS A 208 3.28 11.27 -32.53
CA CYS A 208 3.02 10.78 -31.17
C CYS A 208 2.73 9.28 -31.17
N PHE A 209 1.88 8.83 -32.09
CA PHE A 209 1.49 7.42 -32.16
C PHE A 209 2.69 6.56 -32.51
N GLU A 210 3.52 7.02 -33.45
CA GLU A 210 4.78 6.34 -33.75
C GLU A 210 5.71 6.27 -32.54
N PHE A 211 5.71 7.33 -31.72
CA PHE A 211 6.58 7.36 -30.53
C PHE A 211 6.20 6.30 -29.49
N VAL A 212 4.90 6.14 -29.23
CA VAL A 212 4.47 5.10 -28.29
C VAL A 212 4.67 3.71 -28.91
N GLN A 213 4.60 3.61 -30.23
CA GLN A 213 4.88 2.35 -30.90
C GLN A 213 6.34 1.95 -30.66
N ALA A 214 7.26 2.90 -30.86
CA ALA A 214 8.66 2.69 -30.54
C ALA A 214 8.87 2.34 -29.06
N VAL A 215 8.14 3.00 -28.16
CA VAL A 215 8.26 2.72 -26.72
C VAL A 215 7.86 1.28 -26.37
N GLY A 216 6.76 0.80 -26.95
CA GLY A 216 6.28 -0.55 -26.71
C GLY A 216 7.26 -1.61 -27.19
N LYS A 217 7.76 -1.39 -28.41
CA LYS A 217 8.85 -2.16 -29.01
C LYS A 217 10.14 -2.11 -28.18
N GLY A 218 10.42 -0.93 -27.64
CA GLY A 218 11.60 -0.74 -26.80
C GLY A 218 11.59 -1.61 -25.55
N TYR A 219 10.43 -1.75 -24.92
CA TYR A 219 10.36 -2.52 -23.68
C TYR A 219 10.86 -3.94 -23.92
N ILE A 220 10.40 -4.55 -25.01
CA ILE A 220 10.77 -5.92 -25.36
C ILE A 220 12.26 -6.00 -25.70
N ASP A 221 12.74 -5.10 -26.55
CA ASP A 221 14.15 -5.01 -26.89
C ASP A 221 15.02 -4.77 -25.66
N ALA A 222 14.49 -4.06 -24.66
CA ALA A 222 15.29 -3.68 -23.48
C ALA A 222 15.25 -4.77 -22.43
N TYR A 223 14.05 -5.26 -22.12
CA TYR A 223 13.87 -6.15 -20.99
C TYR A 223 14.14 -7.63 -21.28
N ILE A 224 13.70 -8.13 -22.43
CA ILE A 224 13.84 -9.57 -22.71
C ILE A 224 15.29 -10.04 -22.69
N PRO A 225 16.20 -9.36 -23.41
CA PRO A 225 17.59 -9.78 -23.32
C PRO A 225 18.13 -9.86 -21.88
N ILE A 226 17.68 -8.97 -21.01
CA ILE A 226 18.14 -8.96 -19.62
C ILE A 226 17.65 -10.19 -18.87
N VAL A 227 16.42 -10.62 -19.17
CA VAL A 227 15.85 -11.86 -18.61
C VAL A 227 16.67 -13.06 -19.06
N ASN A 228 17.00 -13.09 -20.34
CA ASN A 228 17.82 -14.17 -20.91
C ASN A 228 19.20 -14.27 -20.26
N ARG A 229 19.87 -13.13 -20.08
CA ARG A 229 21.21 -13.11 -19.51
C ARG A 229 21.24 -13.57 -18.05
N ARG A 230 20.19 -13.26 -17.31
CA ARG A 230 20.26 -13.39 -15.85
C ARG A 230 19.42 -14.53 -15.26
N LYS A 231 18.43 -15.02 -16.00
CA LYS A 231 17.45 -15.96 -15.44
C LYS A 231 18.04 -17.21 -14.78
N ASN A 232 19.21 -17.65 -15.24
CA ASN A 232 19.87 -18.82 -14.67
C ASN A 232 21.01 -18.49 -13.71
N THR A 233 21.10 -17.24 -13.26
CA THR A 233 21.99 -16.91 -12.14
C THR A 233 21.53 -17.69 -10.91
N PRO A 234 22.43 -18.50 -10.31
CA PRO A 234 22.09 -19.20 -9.07
C PRO A 234 21.72 -18.23 -7.95
N TYR A 235 20.82 -18.66 -7.06
CA TYR A 235 20.37 -17.81 -5.96
C TYR A 235 20.06 -18.61 -4.71
N THR A 236 20.06 -17.92 -3.57
CA THR A 236 19.84 -18.53 -2.26
C THR A 236 18.52 -18.03 -1.67
N GLU A 237 18.07 -18.69 -0.60
CA GLU A 237 16.89 -18.23 0.14
C GLU A 237 17.13 -16.83 0.76
N GLN A 238 18.38 -16.53 1.11
CA GLN A 238 18.73 -15.20 1.63
C GLN A 238 18.43 -14.11 0.60
N GLN A 239 18.75 -14.39 -0.67
CA GLN A 239 18.51 -13.42 -1.75
C GLN A 239 17.02 -13.25 -2.03
N VAL A 240 16.27 -14.35 -1.95
CA VAL A 240 14.81 -14.29 -2.03
C VAL A 240 14.23 -13.42 -0.93
N GLU A 241 14.77 -13.54 0.28
CA GLU A 241 14.32 -12.77 1.43
C GLU A 241 14.51 -11.26 1.20
N PHE A 242 15.69 -10.90 0.68
CA PHE A 242 15.99 -9.51 0.34
C PHE A 242 15.05 -9.01 -0.76
N GLN A 243 14.93 -9.79 -1.84
CA GLN A 243 13.94 -9.55 -2.89
C GLN A 243 12.56 -9.19 -2.31
N GLU A 244 12.13 -9.94 -1.30
CA GLU A 244 10.81 -9.72 -0.68
C GLU A 244 10.71 -8.45 0.16
N PHE A 245 11.82 -8.02 0.78
CA PHE A 245 11.84 -6.75 1.51
C PHE A 245 11.85 -5.59 0.50
N ARG A 246 12.64 -5.75 -0.56
CA ARG A 246 12.65 -4.76 -1.66
C ARG A 246 11.28 -4.66 -2.30
N ARG A 247 10.49 -5.74 -2.22
CA ARG A 247 9.15 -5.76 -2.81
C ARG A 247 8.13 -5.04 -1.95
N GLY A 248 8.42 -4.90 -0.66
CA GLY A 248 7.65 -3.99 0.18
C GLY A 248 7.73 -2.55 -0.32
N ARG A 249 8.92 -2.14 -0.76
CA ARG A 249 9.12 -0.81 -1.32
C ARG A 249 8.29 -0.63 -2.60
N TYR A 250 8.19 -1.70 -3.40
CA TYR A 250 7.40 -1.66 -4.64
C TYR A 250 5.91 -1.47 -4.36
N ALA A 251 5.39 -2.23 -3.39
CA ALA A 251 3.99 -2.14 -3.01
C ALA A 251 3.69 -0.78 -2.42
N GLU A 252 4.60 -0.27 -1.60
CA GLU A 252 4.42 1.06 -1.04
C GLU A 252 4.28 2.12 -2.12
N PHE A 253 5.11 2.06 -3.15
CA PHE A 253 5.01 3.08 -4.18
C PHE A 253 3.67 2.99 -4.91
N ASN A 254 3.34 1.79 -5.36
CA ASN A 254 2.10 1.59 -6.11
C ASN A 254 0.84 1.92 -5.33
N LEU A 255 0.84 1.64 -4.03
CA LEU A 255 -0.36 1.79 -3.22
C LEU A 255 -0.48 3.20 -2.64
N VAL A 256 0.65 3.82 -2.32
CA VAL A 256 0.67 5.17 -1.76
C VAL A 256 0.85 6.28 -2.79
N ILE A 257 1.69 6.06 -3.81
CA ILE A 257 2.11 7.16 -4.68
C ILE A 257 1.54 7.11 -6.09
N ASP A 258 1.62 5.95 -6.75
CA ASP A 258 1.28 5.82 -8.17
C ASP A 258 -0.11 6.35 -8.51
N ARG A 259 -0.17 7.32 -9.43
CA ARG A 259 -1.41 8.03 -9.74
C ARG A 259 -2.45 7.17 -10.46
N GLY A 260 -2.00 6.30 -11.36
CA GLY A 260 -2.89 5.42 -12.12
C GLY A 260 -3.57 4.39 -11.24
N THR A 261 -2.77 3.69 -10.43
CA THR A 261 -3.31 2.78 -9.41
C THR A 261 -4.32 3.51 -8.52
N LYS A 262 -3.94 4.68 -8.01
CA LYS A 262 -4.80 5.49 -7.14
C LYS A 262 -6.12 5.89 -7.80
N PHE A 263 -6.06 6.36 -9.05
CA PHE A 263 -7.28 6.67 -9.77
C PHE A 263 -8.14 5.42 -9.97
N GLY A 264 -7.51 4.34 -10.48
CA GLY A 264 -8.21 3.08 -10.75
C GLY A 264 -9.01 2.55 -9.56
N LEU A 265 -8.37 2.52 -8.39
CA LEU A 265 -9.00 2.04 -7.17
C LEU A 265 -10.11 2.96 -6.64
N GLN A 266 -9.87 4.27 -6.67
CA GLN A 266 -10.81 5.26 -6.11
C GLN A 266 -12.01 5.50 -7.03
N SER A 267 -11.83 5.29 -8.32
CA SER A 267 -12.90 5.45 -9.30
C SER A 267 -13.67 4.14 -9.56
N GLY A 268 -13.43 3.12 -8.74
CA GLY A 268 -14.09 1.83 -8.91
C GLY A 268 -13.77 1.16 -10.25
N GLY A 269 -12.49 1.17 -10.62
CA GLY A 269 -12.01 0.36 -11.74
C GLY A 269 -11.91 -1.11 -11.31
N ARG A 270 -11.46 -1.98 -12.21
CA ARG A 270 -11.42 -3.41 -11.92
C ARG A 270 -10.20 -3.77 -11.05
N THR A 271 -10.46 -4.00 -9.76
CA THR A 271 -9.43 -4.08 -8.74
C THR A 271 -8.28 -5.03 -9.06
N GLU A 272 -8.60 -6.26 -9.41
CA GLU A 272 -7.58 -7.28 -9.65
C GLU A 272 -6.77 -7.01 -10.92
N SER A 273 -7.42 -6.40 -11.92
CA SER A 273 -6.72 -5.95 -13.12
C SER A 273 -5.75 -4.80 -12.78
N ILE A 274 -6.16 -3.91 -11.88
CA ILE A 274 -5.33 -2.77 -11.45
C ILE A 274 -4.15 -3.21 -10.56
N LEU A 275 -4.36 -4.19 -9.71
CA LEU A 275 -3.33 -4.60 -8.73
C LEU A 275 -2.49 -5.81 -9.15
N ILE A 276 -2.50 -6.17 -10.44
CA ILE A 276 -1.49 -7.10 -10.99
C ILE A 276 -0.06 -6.63 -10.69
N SER A 277 0.09 -5.32 -10.54
CA SER A 277 1.35 -4.68 -10.19
C SER A 277 1.95 -5.19 -8.88
N LEU A 278 1.12 -5.57 -7.93
CA LEU A 278 1.60 -5.93 -6.59
C LEU A 278 2.40 -7.24 -6.64
N PRO A 279 3.42 -7.38 -5.75
CA PRO A 279 4.28 -8.57 -5.74
C PRO A 279 3.57 -9.80 -5.21
N PRO A 280 4.08 -11.00 -5.53
CA PRO A 280 3.47 -12.24 -5.02
C PRO A 280 3.72 -12.42 -3.54
N ARG A 281 4.78 -11.82 -3.02
CA ARG A 281 4.97 -11.70 -1.58
C ARG A 281 5.92 -10.55 -1.21
N ALA A 282 5.65 -9.91 -0.08
CA ALA A 282 6.41 -8.75 0.39
C ALA A 282 6.69 -8.89 1.86
N ARG A 283 7.79 -8.28 2.30
CA ARG A 283 8.19 -8.28 3.69
C ARG A 283 8.39 -6.86 4.19
N TRP A 284 8.02 -6.63 5.45
CA TRP A 284 8.31 -5.38 6.10
C TRP A 284 8.89 -5.70 7.46
N GLY A 285 9.80 -4.85 7.91
CA GLY A 285 10.32 -4.92 9.27
C GLY A 285 10.60 -3.53 9.77
N TYR A 286 10.59 -3.35 11.09
CA TYR A 286 10.86 -2.04 11.67
C TYR A 286 12.27 -1.57 11.31
N ASP A 287 12.33 -0.42 10.65
CA ASP A 287 13.59 0.18 10.22
C ASP A 287 14.51 -0.82 9.50
N TRP A 288 13.93 -1.77 8.77
CA TRP A 288 14.71 -2.75 8.00
C TRP A 288 15.67 -2.05 7.02
N GLN A 289 16.91 -2.52 7.05
CA GLN A 289 17.99 -1.97 6.24
C GLN A 289 18.83 -3.15 5.76
N PRO A 290 19.24 -3.13 4.48
CA PRO A 290 20.16 -4.17 4.04
C PRO A 290 21.45 -4.12 4.84
N GLU A 291 22.10 -5.26 4.97
CA GLU A 291 23.36 -5.32 5.68
C GLU A 291 24.36 -4.39 4.98
N PRO A 292 25.14 -3.61 5.76
CA PRO A 292 26.08 -2.66 5.17
C PRO A 292 27.25 -3.33 4.46
N GLY A 293 27.72 -2.74 3.38
CA GLY A 293 28.87 -3.27 2.64
C GLY A 293 28.62 -4.51 1.82
N THR A 294 27.36 -4.85 1.58
CA THR A 294 27.01 -6.04 0.83
C THR A 294 26.51 -5.65 -0.57
N PRO A 295 26.37 -6.66 -1.46
CA PRO A 295 25.68 -6.41 -2.73
C PRO A 295 24.22 -5.98 -2.56
N GLU A 296 23.64 -6.34 -1.41
CA GLU A 296 22.31 -5.86 -1.02
C GLU A 296 22.32 -4.32 -0.79
N ALA A 297 23.30 -3.85 -0.03
CA ALA A 297 23.39 -2.41 0.26
C ALA A 297 23.70 -1.60 -1.00
N ARG A 298 24.46 -2.18 -1.92
CA ARG A 298 24.86 -1.49 -3.14
C ARG A 298 23.71 -1.18 -4.11
N LEU A 299 22.58 -1.87 -3.99
CA LEU A 299 21.39 -1.52 -4.78
C LEU A 299 21.01 -0.07 -4.52
N THR A 300 20.81 0.26 -3.24
CA THR A 300 20.36 1.59 -2.83
C THR A 300 21.50 2.60 -2.68
N GLU A 301 22.70 2.13 -2.31
CA GLU A 301 23.86 3.03 -2.18
C GLU A 301 24.43 3.44 -3.52
N TYR A 302 24.47 2.53 -4.49
CA TYR A 302 25.01 2.87 -5.82
C TYR A 302 23.98 2.89 -6.95
N PHE A 303 23.39 1.74 -7.26
CA PHE A 303 22.54 1.60 -8.46
C PHE A 303 21.33 2.52 -8.53
N LEU A 304 20.61 2.67 -7.44
CA LEU A 304 19.42 3.52 -7.42
C LEU A 304 19.79 4.98 -7.29
N MET A 305 21.10 5.23 -7.13
CA MET A 305 21.62 6.56 -6.88
C MET A 305 22.33 7.20 -8.06
N LYS A 306 22.81 6.41 -9.01
CA LYS A 306 23.67 6.94 -10.08
C LYS A 306 22.92 7.87 -11.05
N ARG A 307 21.71 7.50 -11.43
CA ARG A 307 20.88 8.29 -12.35
C ARG A 307 21.68 8.90 -13.51
N GLN A 308 22.53 8.08 -14.12
CA GLN A 308 23.36 8.50 -15.24
C GLN A 308 23.89 7.23 -15.90
N TRP A 309 23.29 6.82 -17.02
CA TRP A 309 23.57 5.50 -17.62
C TRP A 309 24.03 5.52 -19.08
N VAL A 310 23.71 6.57 -19.82
CA VAL A 310 24.06 6.67 -21.25
C VAL A 310 25.08 7.77 -21.47
N MET B 10 -5.70 25.28 30.74
CA MET B 10 -5.66 24.00 29.98
C MET B 10 -4.38 23.20 30.23
N SER B 11 -3.25 23.91 30.41
CA SER B 11 -1.92 23.30 30.42
C SER B 11 -1.77 22.06 31.30
N LEU B 12 -2.27 22.15 32.53
CA LEU B 12 -2.16 21.03 33.48
C LEU B 12 -3.15 19.90 33.13
N ALA B 13 -4.25 20.25 32.47
CA ALA B 13 -5.19 19.25 31.94
C ALA B 13 -4.57 18.52 30.74
N ILE B 14 -3.93 19.28 29.85
CA ILE B 14 -3.23 18.75 28.70
C ILE B 14 -2.02 17.88 29.12
N GLU B 15 -1.37 18.28 30.21
CA GLU B 15 -0.28 17.48 30.79
C GLU B 15 -0.79 16.18 31.44
N ALA B 16 -1.92 16.24 32.14
CA ALA B 16 -2.50 15.01 32.68
C ALA B 16 -2.71 13.99 31.56
N VAL B 17 -3.18 14.45 30.40
CA VAL B 17 -3.41 13.56 29.25
C VAL B 17 -2.11 12.93 28.80
N LYS B 18 -1.06 13.76 28.73
CA LYS B 18 0.26 13.29 28.33
C LYS B 18 0.73 12.21 29.28
N ASP B 19 0.62 12.46 30.58
CA ASP B 19 1.06 11.51 31.61
C ASP B 19 0.30 10.20 31.48
N PHE B 20 -1.00 10.30 31.18
CA PHE B 20 -1.80 9.09 30.95
C PHE B 20 -1.28 8.29 29.76
N LEU B 21 -0.95 8.97 28.67
CA LEU B 21 -0.48 8.27 27.46
C LEU B 21 0.89 7.63 27.65
N VAL B 22 1.72 8.23 28.50
CA VAL B 22 3.04 7.64 28.79
C VAL B 22 2.87 6.36 29.57
N LYS B 23 2.02 6.41 30.58
CA LYS B 23 1.64 5.23 31.35
C LYS B 23 0.91 4.20 30.49
N LEU B 24 0.04 4.64 29.59
CA LEU B 24 -0.72 3.67 28.78
C LEU B 24 0.23 2.78 27.96
N GLN B 25 1.27 3.38 27.36
CA GLN B 25 2.25 2.63 26.56
C GLN B 25 2.99 1.58 27.42
N ASP B 26 3.49 2.00 28.57
CA ASP B 26 4.13 1.08 29.52
C ASP B 26 3.16 -0.05 29.88
N ASP B 27 1.92 0.30 30.19
CA ASP B 27 0.91 -0.71 30.58
C ASP B 27 0.58 -1.72 29.46
N ILE B 28 0.39 -1.22 28.25
CA ILE B 28 0.05 -2.09 27.11
C ILE B 28 1.22 -3.00 26.79
N CYS B 29 2.40 -2.40 26.69
CA CYS B 29 3.64 -3.13 26.41
C CYS B 29 3.94 -4.23 27.43
N GLU B 30 3.74 -3.93 28.71
CA GLU B 30 3.96 -4.90 29.77
C GLU B 30 2.93 -6.04 29.69
N ALA B 31 1.66 -5.69 29.40
CA ALA B 31 0.61 -6.69 29.19
C ALA B 31 0.93 -7.62 28.02
N LEU B 32 1.39 -7.06 26.91
CA LEU B 32 1.74 -7.86 25.73
C LEU B 32 2.99 -8.72 25.98
N GLU B 33 3.98 -8.18 26.69
CA GLU B 33 5.16 -8.96 27.09
C GLU B 33 4.78 -10.13 27.98
N ALA B 34 3.89 -9.88 28.95
CA ALA B 34 3.37 -10.93 29.85
C ALA B 34 2.68 -12.07 29.09
N GLU B 35 1.91 -11.75 28.06
CA GLU B 35 1.28 -12.76 27.21
C GLU B 35 2.28 -13.55 26.35
N ASP B 36 3.28 -12.87 25.80
CA ASP B 36 4.28 -13.54 24.97
C ASP B 36 5.16 -14.46 25.84
N GLY B 37 5.83 -13.90 26.83
CA GLY B 37 6.67 -14.68 27.75
C GLY B 37 8.15 -14.70 27.39
N GLN B 38 8.45 -14.55 26.10
CA GLN B 38 9.81 -14.75 25.59
C GLN B 38 10.49 -13.46 25.11
N ALA B 39 9.75 -12.65 24.32
CA ALA B 39 10.32 -11.47 23.68
C ALA B 39 9.87 -10.18 24.34
N THR B 40 10.71 -9.15 24.27
CA THR B 40 10.48 -7.87 24.95
C THR B 40 10.56 -6.69 23.98
N PHE B 41 9.90 -5.60 24.34
CA PHE B 41 9.84 -4.43 23.47
C PHE B 41 11.17 -3.71 23.42
N MET B 42 11.54 -3.23 22.25
CA MET B 42 12.76 -2.48 22.06
C MET B 42 12.37 -1.04 21.80
N GLU B 43 12.92 -0.10 22.58
CA GLU B 43 12.54 1.31 22.44
C GLU B 43 13.48 2.11 21.55
N ASP B 44 12.87 2.94 20.70
CA ASP B 44 13.59 3.83 19.82
C ASP B 44 13.09 5.24 20.11
N LYS B 45 13.87 5.98 20.88
CA LYS B 45 13.47 7.34 21.26
C LYS B 45 13.90 8.31 20.18
N TRP B 46 12.97 9.13 19.72
CA TRP B 46 13.23 10.04 18.60
C TRP B 46 12.69 11.43 18.87
N THR B 47 13.27 12.42 18.19
CA THR B 47 12.87 13.82 18.29
C THR B 47 12.49 14.34 16.92
N ARG B 48 11.51 15.24 16.88
CA ARG B 48 11.02 15.83 15.63
C ARG B 48 11.66 17.20 15.46
N GLU B 49 12.14 17.49 14.26
CA GLU B 49 12.67 18.81 13.94
C GLU B 49 11.49 19.78 13.87
N GLY B 50 11.38 20.65 14.87
CA GLY B 50 10.26 21.57 14.99
C GLY B 50 9.68 21.58 16.39
N GLY B 51 9.89 20.49 17.13
CA GLY B 51 9.48 20.38 18.53
C GLY B 51 8.85 19.05 18.87
N GLY B 52 9.37 18.42 19.92
CA GLY B 52 8.78 17.22 20.48
C GLY B 52 9.36 15.97 19.85
N GLY B 53 8.56 14.91 19.82
CA GLY B 53 9.07 13.62 19.39
C GLY B 53 8.26 12.48 19.96
N GLY B 54 8.91 11.35 20.22
CA GLY B 54 8.20 10.19 20.72
C GLY B 54 9.08 9.00 21.08
N ARG B 55 8.41 7.90 21.42
CA ARG B 55 9.07 6.64 21.74
C ARG B 55 8.39 5.52 20.99
N THR B 56 9.10 4.94 20.04
CA THR B 56 8.58 3.81 19.30
C THR B 56 9.15 2.52 19.87
N ARG B 57 8.24 1.67 20.35
CA ARG B 57 8.61 0.38 20.86
C ARG B 57 8.10 -0.69 19.90
N VAL B 58 8.97 -1.66 19.61
CA VAL B 58 8.59 -2.77 18.76
C VAL B 58 9.04 -4.11 19.34
N MET B 59 8.32 -5.15 18.93
CA MET B 59 8.60 -6.53 19.35
C MET B 59 8.64 -7.37 18.08
N VAL B 60 9.69 -8.18 17.93
CA VAL B 60 9.84 -9.09 16.80
C VAL B 60 10.02 -10.51 17.29
N ASN B 61 9.45 -11.46 16.56
CA ASN B 61 9.77 -12.89 16.70
C ASN B 61 9.64 -13.48 18.10
N GLY B 62 8.62 -13.05 18.83
CA GLY B 62 8.29 -13.66 20.11
C GLY B 62 7.54 -14.97 19.92
N ALA B 63 7.21 -15.60 21.04
CA ALA B 63 6.44 -16.86 21.02
C ALA B 63 5.01 -16.62 20.51
N VAL B 64 4.51 -15.40 20.69
CA VAL B 64 3.13 -15.06 20.35
C VAL B 64 3.04 -13.91 19.33
N ILE B 65 3.77 -12.83 19.57
CA ILE B 65 3.70 -11.66 18.69
C ILE B 65 4.88 -11.70 17.73
N GLU B 66 4.60 -11.78 16.44
CA GLU B 66 5.64 -11.86 15.41
C GLU B 66 6.17 -10.47 15.12
N LYS B 67 5.24 -9.52 14.99
CA LYS B 67 5.59 -8.12 14.77
C LYS B 67 4.61 -7.26 15.55
N GLY B 68 5.13 -6.49 16.48
CA GLY B 68 4.30 -5.62 17.31
C GLY B 68 4.88 -4.23 17.31
N GLY B 69 4.02 -3.24 17.43
CA GLY B 69 4.45 -1.85 17.56
C GLY B 69 3.48 -1.09 18.41
N VAL B 70 3.99 -0.44 19.46
CA VAL B 70 3.19 0.44 20.32
C VAL B 70 3.91 1.77 20.47
N ASN B 71 3.44 2.79 19.77
CA ASN B 71 4.10 4.07 19.73
C ASN B 71 3.47 5.07 20.67
N PHE B 72 4.31 5.93 21.20
CA PHE B 72 3.86 7.15 21.87
C PHE B 72 4.57 8.30 21.18
N SER B 73 3.88 9.41 21.02
CA SER B 73 4.50 10.64 20.54
C SER B 73 3.86 11.85 21.20
N HIS B 74 4.65 12.90 21.32
CA HIS B 74 4.13 14.20 21.70
C HIS B 74 4.91 15.23 20.89
N VAL B 75 4.24 15.73 19.86
CA VAL B 75 4.79 16.62 18.87
C VAL B 75 4.16 17.99 19.10
N TYR B 76 4.95 19.07 18.95
CA TYR B 76 4.45 20.42 19.14
C TYR B 76 5.28 21.41 18.37
N GLY B 77 4.72 22.58 18.09
CA GLY B 77 5.47 23.62 17.41
C GLY B 77 4.65 24.76 16.87
N LYS B 78 5.30 25.56 16.03
CA LYS B 78 4.73 26.75 15.43
C LYS B 78 4.11 26.38 14.09
N GLY B 79 2.86 26.79 13.87
CA GLY B 79 2.23 26.71 12.54
C GLY B 79 1.66 25.37 12.11
N LEU B 80 0.53 25.42 11.41
CA LEU B 80 -0.13 24.24 10.86
C LEU B 80 0.02 24.19 9.33
N MET B 91 -7.44 27.93 12.53
CA MET B 91 -6.22 27.62 13.29
C MET B 91 -4.96 27.96 12.48
N THR B 92 -5.05 29.02 11.67
CA THR B 92 -3.99 29.34 10.71
C THR B 92 -2.75 29.92 11.40
N GLY B 93 -1.61 29.27 11.20
CA GLY B 93 -0.39 29.63 11.88
C GLY B 93 -0.51 29.54 13.39
N CYS B 94 -1.26 28.55 13.86
CA CYS B 94 -1.40 28.33 15.29
C CYS B 94 -0.26 27.48 15.81
N ASN B 95 0.14 27.77 17.05
CA ASN B 95 0.92 26.84 17.86
C ASN B 95 0.07 25.59 18.08
N PHE B 96 0.70 24.43 18.02
CA PHE B 96 -0.02 23.17 18.21
C PHE B 96 0.69 22.20 19.14
N GLN B 97 -0.08 21.26 19.68
CA GLN B 97 0.44 20.10 20.38
C GLN B 97 -0.39 18.91 19.95
N ALA B 98 0.29 17.81 19.64
CA ALA B 98 -0.37 16.56 19.31
C ALA B 98 0.28 15.46 20.12
N MET B 99 -0.53 14.66 20.79
CA MET B 99 0.00 13.56 21.58
C MET B 99 -0.88 12.34 21.39
N GLY B 100 -0.29 11.16 21.48
CA GLY B 100 -1.07 9.94 21.31
C GLY B 100 -0.30 8.66 21.44
N VAL B 101 -1.05 7.58 21.64
CA VAL B 101 -0.50 6.24 21.54
C VAL B 101 -1.27 5.50 20.45
N SER B 102 -0.51 4.80 19.60
CA SER B 102 -1.11 3.95 18.58
C SER B 102 -0.36 2.64 18.60
N LEU B 103 -1.04 1.57 18.19
CA LEU B 103 -0.42 0.26 18.18
C LEU B 103 -1.05 -0.64 17.14
N VAL B 104 -0.23 -1.55 16.62
CA VAL B 104 -0.68 -2.65 15.80
C VAL B 104 0.07 -3.90 16.21
N ILE B 105 -0.68 -4.98 16.43
CA ILE B 105 -0.12 -6.25 16.86
C ILE B 105 -0.46 -7.32 15.82
N HIS B 106 0.57 -7.96 15.26
CA HIS B 106 0.42 -9.04 14.29
C HIS B 106 0.99 -10.34 14.91
N PRO B 107 0.12 -11.21 15.45
CA PRO B 107 0.61 -12.45 16.03
C PRO B 107 1.15 -13.47 15.02
N LYS B 108 1.99 -14.36 15.53
CA LYS B 108 2.57 -15.46 14.75
C LYS B 108 1.50 -16.50 14.41
N ASN B 109 0.74 -16.91 15.41
CA ASN B 109 -0.34 -17.87 15.24
C ASN B 109 -1.53 -17.24 14.49
N PRO B 110 -1.92 -17.82 13.34
CA PRO B 110 -3.05 -17.26 12.61
C PRO B 110 -4.34 -17.25 13.43
N HIS B 111 -4.39 -18.09 14.47
CA HIS B 111 -5.59 -18.21 15.28
C HIS B 111 -5.75 -17.10 16.32
N VAL B 112 -4.74 -16.23 16.42
CA VAL B 112 -4.85 -15.01 17.20
C VAL B 112 -5.04 -13.84 16.23
N PRO B 113 -6.09 -13.02 16.43
CA PRO B 113 -6.25 -11.91 15.49
C PRO B 113 -5.15 -10.85 15.55
N THR B 114 -4.99 -10.12 14.45
CA THR B 114 -4.30 -8.84 14.46
C THR B 114 -5.24 -7.85 15.17
N SER B 115 -4.65 -6.86 15.84
CA SER B 115 -5.44 -5.80 16.44
C SER B 115 -4.75 -4.44 16.30
N HIS B 116 -5.48 -3.40 16.64
CA HIS B 116 -5.00 -2.03 16.50
C HIS B 116 -5.73 -1.19 17.52
N ALA B 117 -5.06 -0.14 17.97
CA ALA B 117 -5.70 0.81 18.87
C ALA B 117 -5.02 2.15 18.70
N ASN B 118 -5.72 3.19 19.11
CA ASN B 118 -5.25 4.57 18.98
C ASN B 118 -6.02 5.41 20.01
N VAL B 119 -5.30 6.23 20.78
CA VAL B 119 -5.94 7.32 21.50
C VAL B 119 -5.02 8.52 21.38
N ARG B 120 -5.60 9.69 21.13
CA ARG B 120 -4.83 10.91 20.89
C ARG B 120 -5.63 12.16 21.20
N LEU B 121 -4.88 13.25 21.39
CA LEU B 121 -5.42 14.59 21.62
C LEU B 121 -4.68 15.55 20.71
N PHE B 122 -5.43 16.50 20.14
CA PHE B 122 -4.84 17.56 19.37
C PHE B 122 -5.22 18.86 20.05
N VAL B 123 -4.27 19.78 20.19
CA VAL B 123 -4.54 21.10 20.75
C VAL B 123 -3.90 22.21 19.90
N ALA B 124 -4.71 23.20 19.54
CA ALA B 124 -4.24 24.38 18.83
C ALA B 124 -4.61 25.59 19.66
N GLU B 125 -3.59 26.27 20.18
CA GLU B 125 -3.82 27.43 21.03
C GLU B 125 -3.88 28.72 20.22
N ARG B 126 -4.59 29.71 20.77
CA ARG B 126 -4.87 30.97 20.09
C ARG B 126 -4.69 32.12 21.07
N GLU B 127 -3.87 33.11 20.70
CA GLU B 127 -3.72 34.31 21.52
C GLU B 127 -5.06 35.06 21.61
N GLY B 128 -5.55 35.22 22.84
CA GLY B 128 -6.82 35.88 23.12
C GLY B 128 -7.94 34.88 23.41
N LYS B 129 -8.14 33.95 22.49
CA LYS B 129 -9.25 33.00 22.56
C LYS B 129 -8.85 31.70 23.26
N GLU B 130 -9.84 30.92 23.65
CA GLU B 130 -9.62 29.57 24.16
C GLU B 130 -9.07 28.64 23.06
N PRO B 131 -8.32 27.59 23.44
CA PRO B 131 -7.80 26.71 22.41
C PRO B 131 -8.87 25.82 21.75
N VAL B 132 -8.65 25.48 20.48
CA VAL B 132 -9.41 24.43 19.83
C VAL B 132 -8.71 23.10 20.12
N TRP B 133 -9.49 22.11 20.52
CA TRP B 133 -8.97 20.79 20.87
C TRP B 133 -10.01 19.74 20.53
N TRP B 134 -9.54 18.54 20.26
CA TRP B 134 -10.42 17.36 20.21
C TRP B 134 -9.60 16.12 20.47
N PHE B 135 -10.29 15.03 20.80
CA PHE B 135 -9.66 13.73 20.98
C PHE B 135 -10.07 12.83 19.81
N GLY B 136 -9.40 11.68 19.71
CA GLY B 136 -9.75 10.70 18.70
C GLY B 136 -9.11 9.39 19.06
N GLY B 137 -9.56 8.30 18.44
CA GLY B 137 -9.05 6.97 18.77
C GLY B 137 -10.04 5.83 18.62
N GLY B 138 -9.76 4.72 19.30
CA GLY B 138 -10.58 3.52 19.24
C GLY B 138 -9.75 2.25 19.23
N PHE B 139 -10.40 1.11 19.04
CA PHE B 139 -9.70 -0.15 18.82
C PHE B 139 -10.52 -1.13 17.97
N ASP B 140 -9.83 -2.08 17.35
CA ASP B 140 -10.44 -2.96 16.36
C ASP B 140 -9.70 -4.28 16.22
N LEU B 141 -10.45 -5.31 15.80
CA LEU B 141 -9.96 -6.68 15.75
C LEU B 141 -10.02 -7.20 14.31
N THR B 142 -8.90 -7.75 13.87
CA THR B 142 -8.74 -8.25 12.50
C THR B 142 -8.36 -9.73 12.59
N PRO B 143 -9.39 -10.60 12.69
CA PRO B 143 -9.10 -12.02 12.77
C PRO B 143 -8.79 -12.60 11.41
N TYR B 144 -8.27 -13.81 11.42
CA TYR B 144 -8.04 -14.59 10.21
C TYR B 144 -8.89 -15.85 10.35
N TYR B 145 -8.70 -16.57 11.46
CA TYR B 145 -9.57 -17.65 11.85
C TYR B 145 -10.39 -17.20 13.04
N ALA B 146 -11.45 -16.45 12.75
CA ALA B 146 -12.25 -15.81 13.79
C ALA B 146 -13.06 -16.84 14.56
N VAL B 147 -13.38 -16.53 15.80
CA VAL B 147 -14.23 -17.37 16.64
C VAL B 147 -15.37 -16.53 17.16
N GLU B 148 -16.58 -17.08 17.12
CA GLU B 148 -17.81 -16.38 17.48
C GLU B 148 -17.66 -15.67 18.81
N GLU B 149 -17.31 -16.42 19.86
CA GLU B 149 -17.31 -15.90 21.22
C GLU B 149 -16.25 -14.78 21.45
N ASP B 150 -15.18 -14.78 20.65
CA ASP B 150 -14.15 -13.74 20.72
C ASP B 150 -14.61 -12.43 20.07
N CYS B 151 -15.32 -12.53 18.96
CA CYS B 151 -15.87 -11.35 18.29
C CYS B 151 -16.85 -10.62 19.21
N ARG B 152 -17.69 -11.38 19.93
CA ARG B 152 -18.67 -10.74 20.80
C ARG B 152 -18.10 -10.31 22.14
N TYR B 153 -17.10 -11.04 22.66
CA TYR B 153 -16.38 -10.57 23.84
C TYR B 153 -15.76 -9.20 23.55
N PHE B 154 -15.17 -9.05 22.37
CA PHE B 154 -14.47 -7.83 21.99
C PHE B 154 -15.43 -6.65 21.99
N HIS B 155 -16.60 -6.85 21.41
CA HIS B 155 -17.63 -5.83 21.34
C HIS B 155 -18.32 -5.55 22.68
N GLN B 156 -18.45 -6.58 23.51
CA GLN B 156 -19.06 -6.42 24.83
C GLN B 156 -18.17 -5.59 25.75
N VAL B 157 -16.86 -5.75 25.62
CA VAL B 157 -15.94 -4.87 26.34
C VAL B 157 -16.20 -3.44 25.86
N ALA B 158 -16.21 -3.26 24.54
CA ALA B 158 -16.56 -1.98 23.92
C ALA B 158 -17.89 -1.41 24.42
N GLN B 159 -18.98 -2.18 24.30
CA GLN B 159 -20.29 -1.70 24.77
C GLN B 159 -20.30 -1.34 26.25
N ASP B 160 -19.66 -2.16 27.08
CA ASP B 160 -19.65 -1.96 28.54
C ASP B 160 -18.93 -0.67 28.95
N LEU B 161 -17.76 -0.42 28.39
CA LEU B 161 -16.99 0.77 28.75
C LEU B 161 -17.72 2.04 28.30
N CYS B 162 -18.44 1.95 27.18
CA CYS B 162 -19.20 3.08 26.64
C CYS B 162 -20.41 3.44 27.50
N LYS B 163 -21.06 2.44 28.08
CA LYS B 163 -22.39 2.59 28.70
C LYS B 163 -22.57 3.84 29.58
N PRO B 164 -21.69 4.03 30.58
CA PRO B 164 -21.92 5.21 31.44
C PRO B 164 -21.86 6.55 30.72
N PHE B 165 -21.11 6.64 29.62
CA PHE B 165 -20.91 7.90 28.90
C PHE B 165 -22.14 8.37 28.12
N GLY B 166 -23.03 7.45 27.75
CA GLY B 166 -24.29 7.81 27.08
C GLY B 166 -24.85 6.68 26.23
N ALA B 167 -26.18 6.66 26.14
CA ALA B 167 -26.95 5.59 25.48
C ALA B 167 -26.63 5.35 23.99
N ASP B 168 -26.03 6.35 23.34
CA ASP B 168 -25.69 6.24 21.91
C ASP B 168 -24.18 6.29 21.63
N VAL B 169 -23.36 6.15 22.66
CA VAL B 169 -21.90 6.16 22.46
C VAL B 169 -21.39 4.88 21.78
N TYR B 170 -21.75 3.71 22.29
CA TYR B 170 -21.27 2.47 21.66
C TYR B 170 -21.75 2.34 20.22
N THR B 171 -23.03 2.66 19.98
CA THR B 171 -23.60 2.46 18.65
C THR B 171 -22.99 3.43 17.65
N ARG B 172 -22.89 4.71 18.02
CA ARG B 172 -22.31 5.73 17.13
C ARG B 172 -20.87 5.40 16.75
N PHE B 173 -20.06 5.06 17.75
CA PHE B 173 -18.64 4.79 17.52
C PHE B 173 -18.35 3.37 16.99
N LYS B 174 -19.23 2.41 17.28
CA LYS B 174 -19.20 1.08 16.65
C LYS B 174 -19.57 1.13 15.17
N VAL B 175 -20.53 2.00 14.84
CA VAL B 175 -20.96 2.20 13.45
C VAL B 175 -19.90 2.96 12.68
N TRP B 176 -19.29 3.96 13.34
CA TRP B 176 -18.17 4.70 12.76
C TRP B 176 -17.03 3.73 12.43
N CYS B 177 -16.67 2.89 13.39
CA CYS B 177 -15.60 1.92 13.19
C CYS B 177 -15.82 1.06 11.94
N ASP B 178 -17.05 0.57 11.76
CA ASP B 178 -17.40 -0.20 10.55
C ASP B 178 -17.22 0.63 9.28
N GLU B 179 -17.62 1.90 9.34
CA GLU B 179 -17.57 2.78 8.17
C GLU B 179 -16.14 3.14 7.78
N TYR B 180 -15.28 3.34 8.77
CA TYR B 180 -13.89 3.75 8.52
C TYR B 180 -13.01 2.58 8.04
N PHE B 181 -13.03 1.46 8.76
CA PHE B 181 -12.23 0.29 8.39
C PHE B 181 -12.93 -0.61 7.36
N PHE B 182 -13.07 -0.05 6.16
CA PHE B 182 -13.81 -0.65 5.07
C PHE B 182 -13.05 -0.37 3.78
N ILE B 183 -12.76 -1.42 3.01
CA ILE B 183 -12.09 -1.30 1.72
C ILE B 183 -13.16 -1.21 0.61
N PRO B 184 -13.48 0.02 0.16
CA PRO B 184 -14.63 0.17 -0.74
C PRO B 184 -14.48 -0.50 -2.11
N TYR B 185 -13.29 -0.43 -2.73
CA TYR B 185 -13.08 -1.05 -4.04
C TYR B 185 -13.12 -2.58 -4.01
N ARG B 186 -13.01 -3.17 -2.81
CA ARG B 186 -13.18 -4.61 -2.62
C ARG B 186 -14.51 -5.00 -1.94
N ASN B 187 -15.33 -4.00 -1.58
CA ASN B 187 -16.56 -4.23 -0.81
C ASN B 187 -16.33 -5.12 0.41
N GLU B 188 -15.29 -4.78 1.17
CA GLU B 188 -14.81 -5.65 2.22
C GLU B 188 -14.33 -4.89 3.46
N ALA B 189 -14.89 -5.25 4.62
CA ALA B 189 -14.44 -4.76 5.92
C ALA B 189 -13.01 -5.23 6.21
N ARG B 190 -12.24 -4.40 6.91
CA ARG B 190 -10.89 -4.79 7.32
C ARG B 190 -10.94 -5.92 8.36
N GLY B 191 -11.91 -5.84 9.29
CA GLY B 191 -12.09 -6.87 10.30
C GLY B 191 -13.49 -6.84 10.88
N ILE B 192 -13.63 -7.26 12.14
CA ILE B 192 -14.94 -7.36 12.77
C ILE B 192 -15.31 -6.10 13.55
N GLY B 193 -14.44 -5.10 13.51
CA GLY B 193 -14.74 -3.78 14.05
C GLY B 193 -14.42 -3.63 15.51
N GLY B 194 -15.18 -2.77 16.18
CA GLY B 194 -14.88 -2.34 17.53
C GLY B 194 -15.35 -0.92 17.74
N LEU B 195 -14.43 -0.01 18.11
CA LEU B 195 -14.75 1.41 18.30
C LEU B 195 -13.82 2.32 17.47
N PHE B 196 -14.40 3.42 16.97
CA PHE B 196 -13.66 4.46 16.27
C PHE B 196 -14.33 5.82 16.49
N PHE B 197 -13.51 6.84 16.72
CA PHE B 197 -14.00 8.20 16.86
C PHE B 197 -12.90 9.22 16.58
N ASP B 198 -13.31 10.38 16.10
CA ASP B 198 -12.42 11.51 15.88
C ASP B 198 -13.22 12.77 16.14
N ASP B 199 -12.53 13.91 16.28
CA ASP B 199 -13.18 15.21 16.53
C ASP B 199 -14.05 15.25 17.80
N LEU B 200 -13.65 14.48 18.81
CA LEU B 200 -14.42 14.37 20.06
C LEU B 200 -14.18 15.57 20.99
N ASN B 201 -15.10 16.54 20.93
CA ASN B 201 -15.12 17.67 21.87
C ASN B 201 -16.53 18.13 22.24
N GLU B 202 -17.53 17.26 22.03
CA GLU B 202 -18.92 17.61 22.30
C GLU B 202 -19.26 17.58 23.79
N TRP B 203 -18.45 16.85 24.56
CA TRP B 203 -18.54 16.89 26.01
C TRP B 203 -17.43 17.77 26.56
N PRO B 204 -17.56 18.17 27.84
CA PRO B 204 -16.44 18.80 28.53
C PRO B 204 -15.14 17.99 28.39
N PHE B 205 -14.02 18.69 28.51
CA PHE B 205 -12.70 18.08 28.34
C PHE B 205 -12.53 16.87 29.25
N GLU B 206 -12.83 17.07 30.53
CA GLU B 206 -12.68 16.02 31.54
C GLU B 206 -13.39 14.75 31.12
N LYS B 207 -14.61 14.87 30.60
CA LYS B 207 -15.39 13.69 30.21
C LYS B 207 -14.79 13.04 28.95
N CYS B 208 -14.52 13.82 27.91
CA CYS B 208 -13.83 13.29 26.72
C CYS B 208 -12.54 12.57 27.12
N PHE B 209 -11.80 13.20 28.04
CA PHE B 209 -10.57 12.62 28.56
C PHE B 209 -10.83 11.28 29.23
N GLU B 210 -11.81 11.22 30.13
CA GLU B 210 -12.14 9.96 30.81
C GLU B 210 -12.57 8.91 29.79
N PHE B 211 -13.26 9.34 28.74
CA PHE B 211 -13.66 8.42 27.69
C PHE B 211 -12.46 7.77 27.00
N VAL B 212 -11.42 8.56 26.69
CA VAL B 212 -10.26 7.98 26.02
C VAL B 212 -9.49 7.05 26.96
N GLN B 213 -9.49 7.36 28.25
CA GLN B 213 -8.83 6.50 29.22
C GLN B 213 -9.57 5.16 29.32
N ALA B 214 -10.91 5.21 29.32
CA ALA B 214 -11.72 3.99 29.25
C ALA B 214 -11.44 3.20 27.95
N VAL B 215 -11.25 3.90 26.84
CA VAL B 215 -10.93 3.23 25.58
C VAL B 215 -9.54 2.58 25.60
N GLY B 216 -8.56 3.31 26.13
CA GLY B 216 -7.18 2.82 26.24
C GLY B 216 -7.09 1.55 27.06
N LYS B 217 -7.74 1.57 28.23
CA LYS B 217 -7.83 0.40 29.11
C LYS B 217 -8.70 -0.70 28.48
N GLY B 218 -9.75 -0.30 27.77
CA GLY B 218 -10.63 -1.25 27.09
C GLY B 218 -9.89 -2.20 26.16
N TYR B 219 -8.89 -1.68 25.45
CA TYR B 219 -8.10 -2.50 24.53
C TYR B 219 -7.42 -3.66 25.23
N ILE B 220 -6.90 -3.42 26.44
CA ILE B 220 -6.22 -4.45 27.21
C ILE B 220 -7.21 -5.52 27.69
N ASP B 221 -8.34 -5.09 28.24
CA ASP B 221 -9.41 -6.01 28.64
C ASP B 221 -9.99 -6.81 27.46
N ALA B 222 -10.07 -6.18 26.29
CA ALA B 222 -10.71 -6.82 25.12
C ALA B 222 -9.76 -7.78 24.43
N TYR B 223 -8.51 -7.37 24.22
CA TYR B 223 -7.58 -8.12 23.36
C TYR B 223 -6.76 -9.16 24.10
N ILE B 224 -6.20 -8.82 25.26
CA ILE B 224 -5.31 -9.73 25.98
C ILE B 224 -5.95 -11.12 26.25
N PRO B 225 -7.18 -11.16 26.82
CA PRO B 225 -7.77 -12.50 27.03
C PRO B 225 -7.92 -13.34 25.75
N ILE B 226 -8.11 -12.68 24.60
CA ILE B 226 -8.23 -13.38 23.33
C ILE B 226 -6.89 -13.97 22.90
N VAL B 227 -5.81 -13.21 23.05
CA VAL B 227 -4.45 -13.73 22.82
C VAL B 227 -4.22 -14.99 23.69
N ASN B 228 -4.57 -14.90 24.97
CA ASN B 228 -4.39 -16.03 25.87
C ASN B 228 -5.16 -17.28 25.43
N ARG B 229 -6.41 -17.12 24.99
CA ARG B 229 -7.24 -18.26 24.57
C ARG B 229 -6.74 -18.97 23.32
N ARG B 230 -6.16 -18.22 22.38
CA ARG B 230 -5.90 -18.74 21.04
C ARG B 230 -4.43 -18.96 20.71
N LYS B 231 -3.52 -18.31 21.43
CA LYS B 231 -2.10 -18.43 21.13
C LYS B 231 -1.56 -19.87 20.98
N ASN B 232 -2.09 -20.81 21.76
CA ASN B 232 -1.62 -22.20 21.76
C ASN B 232 -2.37 -23.14 20.78
N THR B 233 -3.26 -22.56 19.97
CA THR B 233 -4.01 -23.30 18.96
C THR B 233 -3.05 -23.84 17.90
N PRO B 234 -3.15 -25.14 17.57
CA PRO B 234 -2.29 -25.67 16.50
C PRO B 234 -2.56 -25.01 15.15
N TYR B 235 -1.50 -24.73 14.40
CA TYR B 235 -1.63 -24.17 13.05
C TYR B 235 -0.67 -24.84 12.08
N THR B 236 -0.95 -24.67 10.79
CA THR B 236 -0.13 -25.25 9.72
C THR B 236 0.34 -24.18 8.75
N GLU B 237 1.34 -24.54 7.95
CA GLU B 237 1.86 -23.67 6.89
C GLU B 237 0.75 -23.15 5.94
N GLN B 238 -0.29 -23.93 5.74
CA GLN B 238 -1.40 -23.53 4.86
C GLN B 238 -2.21 -22.38 5.49
N GLN B 239 -2.40 -22.44 6.81
CA GLN B 239 -3.09 -21.37 7.50
C GLN B 239 -2.22 -20.10 7.57
N VAL B 240 -0.90 -20.28 7.68
CA VAL B 240 0.06 -19.18 7.56
C VAL B 240 -0.02 -18.53 6.17
N GLU B 241 -0.18 -19.34 5.13
CA GLU B 241 -0.41 -18.84 3.77
C GLU B 241 -1.66 -17.94 3.69
N PHE B 242 -2.76 -18.40 4.28
CA PHE B 242 -4.02 -17.63 4.30
C PHE B 242 -3.85 -16.30 5.05
N GLN B 243 -3.34 -16.40 6.27
CA GLN B 243 -2.91 -15.25 7.08
C GLN B 243 -2.12 -14.21 6.24
N GLU B 244 -1.21 -14.71 5.40
CA GLU B 244 -0.39 -13.82 4.58
C GLU B 244 -1.14 -13.19 3.39
N PHE B 245 -2.09 -13.91 2.78
CA PHE B 245 -2.93 -13.29 1.74
C PHE B 245 -3.87 -12.24 2.34
N ARG B 246 -4.39 -12.53 3.53
CA ARG B 246 -5.22 -11.60 4.27
C ARG B 246 -4.45 -10.35 4.70
N ARG B 247 -3.14 -10.50 4.93
CA ARG B 247 -2.30 -9.35 5.31
C ARG B 247 -1.99 -8.40 4.16
N GLY B 248 -2.19 -8.84 2.92
CA GLY B 248 -2.22 -7.92 1.78
C GLY B 248 -3.42 -6.96 1.85
N ARG B 249 -4.57 -7.47 2.33
CA ARG B 249 -5.73 -6.62 2.56
C ARG B 249 -5.42 -5.56 3.62
N TYR B 250 -4.67 -5.95 4.64
CA TYR B 250 -4.29 -5.03 5.73
C TYR B 250 -3.32 -3.95 5.24
N ALA B 251 -2.29 -4.36 4.51
CA ALA B 251 -1.34 -3.43 3.92
C ALA B 251 -2.04 -2.47 2.98
N GLU B 252 -3.00 -3.00 2.21
CA GLU B 252 -3.75 -2.19 1.24
C GLU B 252 -4.56 -1.07 1.91
N PHE B 253 -5.33 -1.42 2.93
CA PHE B 253 -6.11 -0.41 3.65
C PHE B 253 -5.22 0.66 4.25
N ASN B 254 -4.14 0.25 4.90
CA ASN B 254 -3.25 1.22 5.54
C ASN B 254 -2.53 2.11 4.53
N LEU B 255 -2.10 1.51 3.43
CA LEU B 255 -1.32 2.25 2.45
C LEU B 255 -2.21 3.05 1.48
N VAL B 256 -3.40 2.54 1.20
CA VAL B 256 -4.30 3.17 0.22
C VAL B 256 -5.32 4.07 0.87
N ILE B 257 -5.82 3.70 2.05
CA ILE B 257 -6.99 4.39 2.66
C ILE B 257 -6.70 5.10 3.98
N ASP B 258 -6.01 4.45 4.91
CA ASP B 258 -5.83 5.03 6.24
C ASP B 258 -5.38 6.49 6.22
N ARG B 259 -6.10 7.33 6.97
CA ARG B 259 -5.90 8.79 6.97
C ARG B 259 -4.62 9.21 7.66
N GLY B 260 -4.41 8.68 8.85
CA GLY B 260 -3.23 9.00 9.65
C GLY B 260 -1.96 8.58 8.95
N THR B 261 -1.98 7.38 8.37
CA THR B 261 -0.84 6.87 7.59
C THR B 261 -0.56 7.77 6.38
N LYS B 262 -1.54 7.93 5.49
CA LYS B 262 -1.44 8.86 4.33
C LYS B 262 -0.85 10.20 4.75
N PHE B 263 -1.48 10.81 5.75
CA PHE B 263 -1.10 12.13 6.21
C PHE B 263 0.35 12.16 6.70
N GLY B 264 0.68 11.24 7.59
CA GLY B 264 2.03 11.12 8.14
C GLY B 264 3.11 11.00 7.08
N LEU B 265 2.94 10.04 6.17
CA LEU B 265 3.89 9.83 5.06
C LEU B 265 4.04 11.04 4.12
N GLN B 266 2.95 11.78 3.91
CA GLN B 266 2.93 12.90 2.96
C GLN B 266 3.54 14.17 3.55
N SER B 267 3.25 14.43 4.82
CA SER B 267 3.57 15.70 5.46
C SER B 267 4.83 15.71 6.35
N GLY B 268 5.67 14.68 6.22
CA GLY B 268 6.91 14.62 7.01
C GLY B 268 6.76 13.99 8.39
N GLY B 269 5.99 12.91 8.47
CA GLY B 269 5.99 12.05 9.66
C GLY B 269 7.22 11.15 9.67
N ARG B 270 7.51 10.53 10.80
CA ARG B 270 8.62 9.59 10.91
C ARG B 270 8.24 8.23 10.31
N THR B 271 8.77 7.94 9.12
CA THR B 271 8.34 6.82 8.27
C THR B 271 8.19 5.49 9.03
N GLU B 272 9.27 5.07 9.67
CA GLU B 272 9.30 3.75 10.30
C GLU B 272 8.39 3.64 11.52
N SER B 273 8.13 4.77 12.19
CA SER B 273 7.15 4.78 13.27
C SER B 273 5.72 4.66 12.72
N ILE B 274 5.46 5.29 11.58
CA ILE B 274 4.14 5.24 10.94
C ILE B 274 3.86 3.82 10.38
N LEU B 275 4.86 3.22 9.74
CA LEU B 275 4.71 1.92 9.09
C LEU B 275 5.00 0.68 9.97
N ILE B 276 4.85 0.82 11.29
CA ILE B 276 4.83 -0.36 12.19
C ILE B 276 3.58 -1.19 11.94
N SER B 277 2.55 -0.51 11.43
CA SER B 277 1.27 -1.14 11.10
C SER B 277 1.37 -2.26 10.05
N LEU B 278 2.38 -2.19 9.17
CA LEU B 278 2.52 -3.17 8.10
C LEU B 278 2.88 -4.57 8.62
N PRO B 279 2.34 -5.61 7.96
CA PRO B 279 2.63 -7.00 8.36
C PRO B 279 4.06 -7.39 8.07
N PRO B 280 4.58 -8.39 8.79
CA PRO B 280 5.93 -8.83 8.49
C PRO B 280 6.04 -9.52 7.13
N ARG B 281 4.96 -10.16 6.69
CA ARG B 281 4.89 -10.80 5.38
C ARG B 281 3.46 -10.69 4.82
N ALA B 282 3.35 -10.36 3.53
CA ALA B 282 2.04 -10.30 2.86
C ALA B 282 2.14 -10.98 1.51
N ARG B 283 1.01 -11.48 1.02
CA ARG B 283 0.96 -12.06 -0.30
C ARG B 283 -0.10 -11.39 -1.13
N TRP B 284 0.09 -11.42 -2.44
CA TRP B 284 -0.94 -11.05 -3.39
C TRP B 284 -0.96 -12.02 -4.57
N GLY B 285 -2.15 -12.38 -5.03
CA GLY B 285 -2.32 -13.22 -6.22
C GLY B 285 -3.46 -12.70 -7.07
N TYR B 286 -3.35 -12.84 -8.38
CA TYR B 286 -4.38 -12.36 -9.30
C TYR B 286 -5.70 -13.06 -9.01
N ASP B 287 -6.73 -12.27 -8.71
CA ASP B 287 -8.04 -12.79 -8.35
C ASP B 287 -7.95 -13.85 -7.25
N TRP B 288 -7.08 -13.64 -6.26
CA TRP B 288 -6.95 -14.61 -5.18
C TRP B 288 -8.21 -14.58 -4.31
N GLN B 289 -8.74 -15.76 -4.03
CA GLN B 289 -9.86 -15.94 -3.11
C GLN B 289 -9.65 -17.23 -2.32
N PRO B 290 -10.14 -17.30 -1.07
CA PRO B 290 -10.07 -18.54 -0.31
C PRO B 290 -10.93 -19.61 -0.98
N GLU B 291 -10.66 -20.88 -0.70
CA GLU B 291 -11.49 -21.94 -1.26
CA GLU B 291 -11.48 -21.97 -1.24
C GLU B 291 -12.89 -21.85 -0.66
N PRO B 292 -13.92 -21.99 -1.50
CA PRO B 292 -15.28 -22.02 -0.97
C PRO B 292 -15.53 -23.18 -0.01
N GLY B 293 -16.40 -22.96 0.97
CA GLY B 293 -16.83 -24.01 1.87
C GLY B 293 -15.84 -24.34 2.96
N THR B 294 -14.89 -23.43 3.19
CA THR B 294 -13.82 -23.64 4.17
C THR B 294 -13.87 -22.63 5.30
N PRO B 295 -13.16 -22.91 6.42
CA PRO B 295 -13.01 -21.90 7.49
C PRO B 295 -12.40 -20.58 7.00
N GLU B 296 -11.53 -20.65 5.99
CA GLU B 296 -10.95 -19.47 5.31
C GLU B 296 -12.03 -18.59 4.64
N ALA B 297 -12.94 -19.23 3.89
CA ALA B 297 -14.00 -18.51 3.20
C ALA B 297 -14.98 -17.91 4.20
N ARG B 298 -15.19 -18.59 5.32
CA ARG B 298 -16.15 -18.14 6.30
C ARG B 298 -15.74 -16.79 6.93
N LEU B 299 -14.45 -16.44 6.88
CA LEU B 299 -14.01 -15.10 7.32
C LEU B 299 -14.77 -13.98 6.62
N THR B 300 -14.69 -13.93 5.29
CA THR B 300 -15.32 -12.85 4.50
C THR B 300 -16.82 -13.07 4.27
N GLU B 301 -17.25 -14.32 4.22
CA GLU B 301 -18.66 -14.65 4.04
C GLU B 301 -19.51 -14.40 5.29
N TYR B 302 -19.00 -14.79 6.46
CA TYR B 302 -19.75 -14.64 7.72
C TYR B 302 -19.24 -13.54 8.64
N PHE B 303 -18.04 -13.73 9.18
CA PHE B 303 -17.54 -12.87 10.27
C PHE B 303 -17.44 -11.39 9.88
N LEU B 304 -16.89 -11.10 8.71
CA LEU B 304 -16.74 -9.70 8.28
C LEU B 304 -18.07 -9.09 7.80
N MET B 305 -19.08 -9.92 7.58
CA MET B 305 -20.37 -9.41 7.09
C MET B 305 -21.36 -9.20 8.23
N LYS B 306 -21.18 -9.91 9.34
CA LYS B 306 -22.17 -9.87 10.42
C LYS B 306 -22.39 -8.45 10.95
N ARG B 307 -21.33 -7.85 11.51
CA ARG B 307 -21.41 -6.48 12.04
C ARG B 307 -22.50 -6.32 13.12
N GLN B 308 -22.67 -7.33 13.96
CA GLN B 308 -23.70 -7.30 14.98
C GLN B 308 -23.31 -8.31 16.05
N TRP B 309 -22.65 -7.82 17.09
CA TRP B 309 -21.95 -8.69 18.05
C TRP B 309 -22.38 -8.52 19.50
N VAL B 310 -23.32 -7.61 19.77
CA VAL B 310 -23.85 -7.38 21.12
C VAL B 310 -25.37 -7.28 21.10
C ACT C . 3.62 -0.14 -11.78
O ACT C . 4.07 -1.11 -11.11
OXT ACT C . 4.43 0.75 -12.11
CH3 ACT C . 2.17 -0.05 -12.18
C ACT D . -3.85 0.61 11.57
O ACT D . -5.08 0.75 11.84
OXT ACT D . -3.46 -0.53 11.28
CH3 ACT D . -2.90 1.78 11.61
#